data_4YIS
#
_entry.id   4YIS
#
_cell.length_a   75.869
_cell.length_b   91.799
_cell.length_c   139.636
_cell.angle_alpha   90.000
_cell.angle_beta   90.000
_cell.angle_gamma   90.000
#
_symmetry.space_group_name_H-M   'P 21 21 21'
#
loop_
_entity.id
_entity.type
_entity.pdbx_description
1 polymer 'Meganuclease I-CpaMI'
2 polymer 'DNA (28-MER)'
3 polymer 'DNA (28-MER)'
4 non-polymer 'CALCIUM ION'
5 non-polymer 1,2-ETHANEDIOL
6 water water
#
loop_
_entity_poly.entity_id
_entity_poly.type
_entity_poly.pdbx_seq_one_letter_code
_entity_poly.pdbx_strand_id
1 'polypeptide(L)'
;SFNPWFLTGFSDAECSFSILIQANSKYSTGWRIKPVFAIGLHKKDNELLKRIQSYLGVGKIHIHGKDSIQFRIDSPKELE
VIINHFENYPLVTAKQADYTLFKKALDVIKNKEHLSQKGLLKLVGIKASLNLGLNGSLKEAFPNWEELQIDRPSYVNKGI
PDPNWISGFASGDSSFNVKISNSPTSLLNKRVQLRFGIGLNIREKALIQYLVAYFDLSDNLKNIYFDLNSARFEVVKFSD
ITDKIIPFFDKYSIQGKKSQDYQNFKEVADIIKSKNHLTSEGFQEILDIKASMNK
;
A,B
2 'polydeoxyribonucleotide'
;(DC)(DC)(DT)(DA)(DG)(DC)(DC)(DC)(DA)(DC)(DA)(DA)(DT)(DA)(DT)(DT)(DA)(DA)(DG)(DG)
(DC)(DC)(DA)(DT)(DC)(DC)(DC)(DC)
;
E,C
3 'polydeoxyribonucleotide'
;(DG)(DG)(DG)(DA)(DT)(DG)(DG)(DC)(DC)(DT)(DT)(DA)(DA)(DT)(DA)(DT)(DT)(DG)(DT)(DG)
(DG)(DG)(DC)(DT)(DA)(DG)(DG)(DT)
;
F,D
#
loop_
_chem_comp.id
_chem_comp.type
_chem_comp.name
_chem_comp.formula
CA non-polymer 'CALCIUM ION' 'Ca 2'
DA DNA linking 2'-DEOXYADENOSINE-5'-MONOPHOSPHATE 'C10 H14 N5 O6 P'
DC DNA linking 2'-DEOXYCYTIDINE-5'-MONOPHOSPHATE 'C9 H14 N3 O7 P'
DG DNA linking 2'-DEOXYGUANOSINE-5'-MONOPHOSPHATE 'C10 H14 N5 O7 P'
DT DNA linking THYMIDINE-5'-MONOPHOSPHATE 'C10 H15 N2 O8 P'
EDO non-polymer 1,2-ETHANEDIOL 'C2 H6 O2'
#
# COMPACT_ATOMS: atom_id res chain seq x y z
N SER A 1 11.50 -1.64 -0.46
CA SER A 1 11.78 -0.23 -0.82
C SER A 1 11.86 0.63 0.44
N PHE A 2 10.81 0.59 1.25
CA PHE A 2 10.73 1.39 2.48
C PHE A 2 9.62 0.81 3.36
N ASN A 3 9.99 0.34 4.54
CA ASN A 3 9.02 -0.34 5.37
C ASN A 3 7.91 0.63 5.79
N PRO A 4 6.64 0.23 5.61
CA PRO A 4 5.57 1.19 5.84
C PRO A 4 5.26 1.44 7.31
N TRP A 5 5.63 0.52 8.18
CA TRP A 5 5.42 0.71 9.61
C TRP A 5 6.49 1.62 10.19
N PHE A 6 7.71 1.52 9.69
CA PHE A 6 8.72 2.48 10.04
C PHE A 6 8.22 3.89 9.73
N LEU A 7 7.67 4.07 8.54
CA LEU A 7 7.15 5.37 8.14
C LEU A 7 6.06 5.88 9.09
N THR A 8 5.20 4.99 9.52
CA THR A 8 4.18 5.39 10.52
C THR A 8 4.82 5.72 11.88
N GLY A 9 5.81 4.92 12.27
CA GLY A 9 6.54 5.19 13.49
C GLY A 9 7.30 6.49 13.46
N PHE A 10 7.97 6.74 12.37
CA PHE A 10 8.69 8.00 12.20
C PHE A 10 7.70 9.17 12.17
N SER A 11 6.55 8.97 11.54
CA SER A 11 5.54 10.00 11.46
C SER A 11 4.92 10.28 12.83
N ASP A 12 4.66 9.23 13.60
CA ASP A 12 4.25 9.39 15.00
C ASP A 12 5.26 10.24 15.76
N ALA A 13 6.53 10.04 15.46
CA ALA A 13 7.58 10.79 16.12
C ALA A 13 7.67 12.24 15.65
N GLU A 14 7.65 12.43 14.34
CA GLU A 14 8.16 13.64 13.70
C GLU A 14 7.19 14.45 12.85
N CYS A 15 6.05 13.91 12.45
CA CYS A 15 5.23 14.63 11.45
C CYS A 15 4.31 15.62 12.14
N SER A 16 3.56 16.37 11.34
CA SER A 16 2.54 17.28 11.86
C SER A 16 1.46 17.49 10.81
N PHE A 17 0.20 17.49 11.26
CA PHE A 17 -0.96 17.71 10.39
C PHE A 17 -1.59 19.04 10.73
N SER A 18 -1.35 20.05 9.91
CA SER A 18 -1.89 21.38 10.19
C SER A 18 -2.96 21.76 9.19
N ILE A 19 -3.92 22.58 9.65
CA ILE A 19 -4.83 23.29 8.80
C ILE A 19 -4.63 24.75 9.13
N LEU A 20 -4.02 25.44 8.18
CA LEU A 20 -3.69 26.84 8.35
C LEU A 20 -4.75 27.69 7.70
N ILE A 21 -5.31 28.60 8.51
CA ILE A 21 -6.34 29.53 8.09
C ILE A 21 -5.69 30.89 8.23
N GLN A 22 -5.17 31.39 7.13
CA GLN A 22 -4.37 32.60 7.14
C GLN A 22 -5.18 33.79 6.63
N ALA A 23 -5.04 34.92 7.32
CA ALA A 23 -5.71 36.15 6.94
C ALA A 23 -5.17 36.63 5.62
N ASN A 24 -6.05 36.91 4.67
CA ASN A 24 -5.64 37.31 3.34
C ASN A 24 -6.83 37.89 2.58
N SER A 25 -6.83 39.21 2.40
CA SER A 25 -7.96 39.91 1.75
C SER A 25 -8.09 39.65 0.23
N LYS A 26 -7.03 39.16 -0.40
CA LYS A 26 -7.10 38.71 -1.80
C LYS A 26 -8.08 37.53 -1.98
N TYR A 27 -8.52 36.92 -0.88
CA TYR A 27 -9.52 35.82 -0.91
C TYR A 27 -10.91 36.30 -0.50
N SER A 28 -11.92 35.60 -1.01
CA SER A 28 -13.32 36.07 -0.95
C SER A 28 -13.94 35.91 0.42
N THR A 29 -13.33 35.12 1.28
CA THR A 29 -13.79 35.02 2.67
C THR A 29 -12.93 35.87 3.60
N GLY A 30 -11.85 36.42 3.06
CA GLY A 30 -10.82 37.10 3.86
C GLY A 30 -9.77 36.12 4.39
N TRP A 31 -9.90 34.85 4.02
CA TRP A 31 -9.07 33.81 4.59
C TRP A 31 -8.59 32.82 3.54
N ARG A 32 -7.30 32.47 3.58
CA ARG A 32 -6.82 31.35 2.78
C ARG A 32 -6.71 30.11 3.63
N ILE A 33 -7.02 28.96 3.04
CA ILE A 33 -6.99 27.67 3.74
C ILE A 33 -5.91 26.76 3.19
N LYS A 34 -5.01 26.31 4.07
CA LYS A 34 -3.86 25.50 3.67
C LYS A 34 -3.74 24.25 4.52
N PRO A 35 -3.94 23.07 3.92
CA PRO A 35 -3.70 21.82 4.65
C PRO A 35 -2.27 21.32 4.46
N VAL A 36 -1.55 21.12 5.55
CA VAL A 36 -0.14 20.77 5.46
C VAL A 36 0.23 19.54 6.25
N PHE A 37 0.81 18.56 5.57
CA PHE A 37 1.54 17.46 6.19
C PHE A 37 3.03 17.77 6.06
N ALA A 38 3.77 17.60 7.14
CA ALA A 38 5.15 18.07 7.16
C ALA A 38 6.04 17.33 8.13
N ILE A 39 7.22 16.97 7.66
CA ILE A 39 8.30 16.49 8.49
C ILE A 39 9.46 17.41 8.30
N GLY A 40 9.93 18.00 9.39
CA GLY A 40 11.10 18.88 9.39
C GLY A 40 12.29 18.19 10.02
N LEU A 41 13.41 18.18 9.28
CA LEU A 41 14.64 17.54 9.73
C LEU A 41 15.83 18.44 9.43
N HIS A 42 16.96 18.11 10.05
CA HIS A 42 18.26 18.75 9.78
C HIS A 42 18.64 18.54 8.31
N LYS A 43 19.46 19.40 7.74
CA LYS A 43 19.86 19.27 6.32
C LYS A 43 20.60 17.95 6.04
N LYS A 44 21.20 17.39 7.07
CA LYS A 44 21.93 16.13 7.02
C LYS A 44 21.07 14.92 6.67
N ASP A 45 19.77 15.00 6.93
CA ASP A 45 18.85 13.91 6.61
C ASP A 45 18.08 14.04 5.27
N ASN A 46 18.58 14.87 4.36
CA ASN A 46 17.95 15.06 3.07
C ASN A 46 17.74 13.72 2.37
N GLU A 47 18.70 12.82 2.51
CA GLU A 47 18.59 11.48 1.89
C GLU A 47 17.47 10.62 2.50
N LEU A 48 17.25 10.69 3.81
CA LEU A 48 16.11 10.00 4.40
C LEU A 48 14.80 10.54 3.83
N LEU A 49 14.66 11.87 3.73
CA LEU A 49 13.43 12.47 3.24
C LEU A 49 13.20 12.19 1.78
N LYS A 50 14.30 12.00 1.05
CA LYS A 50 14.24 11.64 -0.35
C LYS A 50 13.73 10.23 -0.54
N ARG A 51 14.07 9.37 0.40
CA ARG A 51 13.60 7.99 0.35
C ARG A 51 12.10 7.99 0.57
N ILE A 52 11.67 8.73 1.58
CA ILE A 52 10.27 8.90 1.92
C ILE A 52 9.51 9.52 0.74
N GLN A 53 10.10 10.52 0.12
CA GLN A 53 9.52 11.16 -1.05
C GLN A 53 9.22 10.14 -2.17
N SER A 54 10.18 9.25 -2.47
CA SER A 54 10.00 8.22 -3.55
C SER A 54 9.01 7.17 -3.13
N TYR A 55 9.05 6.78 -1.86
CA TYR A 55 8.17 5.75 -1.38
C TYR A 55 6.75 6.19 -1.63
N LEU A 56 6.43 7.42 -1.22
CA LEU A 56 5.10 7.95 -1.37
C LEU A 56 4.79 8.36 -2.82
N GLY A 57 5.83 8.72 -3.55
CA GLY A 57 5.67 9.24 -4.91
C GLY A 57 5.01 10.60 -4.98
N VAL A 58 4.94 11.30 -3.84
CA VAL A 58 4.46 12.68 -3.79
C VAL A 58 5.26 13.52 -2.80
N GLY A 59 5.12 14.83 -2.92
CA GLY A 59 5.68 15.74 -1.94
C GLY A 59 6.93 16.41 -2.46
N LYS A 60 7.24 17.54 -1.83
CA LYS A 60 8.38 18.36 -2.18
C LYS A 60 9.20 18.60 -0.91
N ILE A 61 10.52 18.85 -1.08
CA ILE A 61 11.43 19.10 0.04
C ILE A 61 12.04 20.47 -0.09
N HIS A 62 11.87 21.30 0.94
CA HIS A 62 12.28 22.70 0.87
C HIS A 62 13.19 23.14 2.00
N ILE A 63 13.93 24.22 1.76
CA ILE A 63 14.67 24.89 2.82
C ILE A 63 13.67 25.33 3.90
N HIS A 64 14.02 25.02 5.15
CA HIS A 64 13.13 25.17 6.31
C HIS A 64 13.70 26.12 7.37
N GLY A 65 14.95 26.55 7.17
CA GLY A 65 15.68 27.31 8.20
C GLY A 65 17.16 27.20 7.97
N LYS A 66 17.96 27.82 8.85
CA LYS A 66 19.42 27.91 8.63
C LYS A 66 19.99 26.55 8.22
N ASP A 67 19.74 25.52 9.03
CA ASP A 67 20.30 24.19 8.73
C ASP A 67 19.25 23.07 8.72
N SER A 68 18.10 23.37 8.14
CA SER A 68 16.97 22.44 8.14
C SER A 68 16.22 22.41 6.83
N ILE A 69 15.52 21.30 6.62
CA ILE A 69 14.69 21.11 5.46
C ILE A 69 13.34 20.61 5.94
N GLN A 70 12.33 20.73 5.08
CA GLN A 70 11.02 20.23 5.38
C GLN A 70 10.50 19.44 4.19
N PHE A 71 9.99 18.24 4.46
CA PHE A 71 9.23 17.50 3.46
C PHE A 71 7.75 17.86 3.65
N ARG A 72 7.10 18.28 2.58
CA ARG A 72 5.76 18.87 2.68
C ARG A 72 4.85 18.32 1.64
N ILE A 73 3.64 18.01 2.03
CA ILE A 73 2.58 17.73 1.09
C ILE A 73 1.44 18.70 1.40
N ASP A 74 1.11 19.57 0.46
CA ASP A 74 0.05 20.56 0.72
C ASP A 74 -1.14 20.50 -0.23
N SER A 75 -1.04 19.71 -1.29
CA SER A 75 -2.13 19.57 -2.25
C SER A 75 -3.14 18.54 -1.76
N PRO A 76 -4.44 18.86 -1.82
CA PRO A 76 -5.46 17.85 -1.53
C PRO A 76 -5.37 16.55 -2.36
N LYS A 77 -5.08 16.64 -3.66
CA LYS A 77 -4.91 15.42 -4.51
C LYS A 77 -3.77 14.50 -4.01
N GLU A 78 -2.60 15.09 -3.73
CA GLU A 78 -1.44 14.36 -3.22
C GLU A 78 -1.62 13.87 -1.79
N LEU A 79 -2.38 14.59 -0.98
CA LEU A 79 -2.65 14.15 0.40
C LEU A 79 -3.49 12.88 0.47
N GLU A 80 -4.16 12.53 -0.63
CA GLU A 80 -4.89 11.27 -0.70
C GLU A 80 -3.93 10.10 -0.49
N VAL A 81 -2.69 10.28 -0.94
CA VAL A 81 -1.66 9.25 -0.78
C VAL A 81 -1.29 9.03 0.69
N ILE A 82 -1.01 10.12 1.39
CA ILE A 82 -0.58 10.06 2.78
C ILE A 82 -1.72 9.59 3.67
N ILE A 83 -2.94 9.93 3.32
CA ILE A 83 -4.11 9.47 4.07
C ILE A 83 -4.33 7.99 3.88
N ASN A 84 -4.19 7.53 2.66
CA ASN A 84 -4.37 6.13 2.38
C ASN A 84 -3.38 5.33 3.18
N HIS A 85 -2.15 5.82 3.21
CA HIS A 85 -1.09 5.15 3.97
C HIS A 85 -1.55 4.92 5.40
N PHE A 86 -1.89 6.00 6.10
CA PHE A 86 -2.22 5.89 7.51
C PHE A 86 -3.50 5.09 7.79
N GLU A 87 -4.43 5.04 6.84
CA GLU A 87 -5.62 4.19 6.98
C GLU A 87 -5.19 2.73 7.04
N ASN A 88 -4.10 2.41 6.37
CA ASN A 88 -3.59 1.05 6.36
C ASN A 88 -2.62 0.77 7.48
N TYR A 89 -1.89 1.81 7.89
CA TYR A 89 -0.81 1.68 8.86
C TYR A 89 -0.99 2.77 9.87
N PRO A 90 -1.99 2.63 10.72
CA PRO A 90 -2.47 3.76 11.52
C PRO A 90 -1.52 4.24 12.57
N LEU A 91 -1.53 5.55 12.79
CA LEU A 91 -0.76 6.19 13.85
C LEU A 91 -1.11 5.58 15.18
N VAL A 92 -0.08 5.35 15.97
CA VAL A 92 -0.18 4.70 17.26
C VAL A 92 -0.34 5.69 18.41
N THR A 93 0.22 6.88 18.27
CA THR A 93 0.18 7.85 19.37
C THR A 93 -1.06 8.76 19.29
N ALA A 94 -1.11 9.73 20.18
CA ALA A 94 -2.23 10.63 20.26
C ALA A 94 -2.31 11.51 19.04
N LYS A 95 -1.22 11.61 18.30
CA LYS A 95 -1.20 12.29 17.02
C LYS A 95 -2.35 11.86 16.17
N GLN A 96 -2.83 10.65 16.41
CA GLN A 96 -3.92 10.11 15.63
C GLN A 96 -5.19 10.88 15.76
N ALA A 97 -5.32 11.64 16.81
CA ALA A 97 -6.48 12.47 16.96
C ALA A 97 -6.32 13.74 16.16
N ASP A 98 -5.12 14.29 16.12
CA ASP A 98 -4.86 15.41 15.20
C ASP A 98 -5.11 14.96 13.74
N TYR A 99 -4.77 13.71 13.43
CA TYR A 99 -4.94 13.16 12.11
C TYR A 99 -6.42 13.07 11.77
N THR A 100 -7.21 12.51 12.68
CA THR A 100 -8.65 12.42 12.47
C THR A 100 -9.29 13.78 12.16
N LEU A 101 -8.86 14.83 12.83
CA LEU A 101 -9.39 16.17 12.61
C LEU A 101 -8.93 16.72 11.25
N PHE A 102 -7.68 16.46 10.93
CA PHE A 102 -7.13 16.79 9.62
C PHE A 102 -7.93 16.15 8.48
N LYS A 103 -8.35 14.90 8.64
CA LYS A 103 -9.22 14.24 7.66
C LYS A 103 -10.51 15.02 7.48
N LYS A 104 -11.21 15.28 8.59
CA LYS A 104 -12.46 16.03 8.57
C LYS A 104 -12.29 17.37 7.89
N ALA A 105 -11.21 18.04 8.20
CA ALA A 105 -10.91 19.34 7.60
C ALA A 105 -10.73 19.19 6.10
N LEU A 106 -10.03 18.14 5.71
CA LEU A 106 -9.74 17.89 4.31
C LEU A 106 -10.99 17.57 3.48
N ASP A 107 -12.03 17.00 4.09
CA ASP A 107 -13.31 16.76 3.39
C ASP A 107 -14.01 18.06 3.05
N VAL A 108 -14.07 18.95 4.02
CA VAL A 108 -14.57 20.29 3.76
C VAL A 108 -13.84 20.88 2.57
N ILE A 109 -12.55 20.64 2.49
CA ILE A 109 -11.73 21.22 1.45
C ILE A 109 -11.92 20.56 0.09
N LYS A 110 -11.91 19.24 0.03
CA LYS A 110 -12.07 18.56 -1.25
C LYS A 110 -13.41 18.85 -1.89
N ASN A 111 -14.35 19.34 -1.10
CA ASN A 111 -15.68 19.64 -1.58
C ASN A 111 -15.88 21.10 -1.83
N LYS A 112 -14.79 21.84 -1.96
CA LYS A 112 -14.84 23.27 -2.23
C LYS A 112 -15.70 24.07 -1.21
N GLU A 113 -16.05 23.46 -0.08
CA GLU A 113 -16.98 24.08 0.88
C GLU A 113 -16.29 25.05 1.82
N HIS A 114 -14.96 25.09 1.74
CA HIS A 114 -14.19 26.04 2.53
C HIS A 114 -14.27 27.47 1.97
N LEU A 115 -14.74 27.59 0.73
CA LEU A 115 -14.91 28.87 0.06
C LEU A 115 -16.23 29.55 0.40
N SER A 116 -17.05 28.92 1.24
CA SER A 116 -18.26 29.55 1.76
C SER A 116 -18.07 29.89 3.24
N GLN A 117 -18.96 30.73 3.76
CA GLN A 117 -18.88 31.14 5.16
C GLN A 117 -19.17 29.95 6.09
N LYS A 118 -20.21 29.17 5.75
CA LYS A 118 -20.56 27.97 6.53
C LYS A 118 -19.37 27.00 6.63
N GLY A 119 -18.60 26.88 5.55
CA GLY A 119 -17.46 25.98 5.50
C GLY A 119 -16.31 26.48 6.33
N LEU A 120 -16.07 27.78 6.25
CA LEU A 120 -15.04 28.39 7.04
C LEU A 120 -15.33 28.22 8.54
N LEU A 121 -16.57 28.47 8.94
CA LEU A 121 -16.96 28.27 10.34
C LEU A 121 -16.71 26.84 10.82
N LYS A 122 -16.93 25.88 9.94
CA LYS A 122 -16.66 24.48 10.23
C LYS A 122 -15.19 24.30 10.54
N LEU A 123 -14.34 24.87 9.68
CA LEU A 123 -12.89 24.72 9.83
C LEU A 123 -12.36 25.38 11.11
N VAL A 124 -12.79 26.58 11.40
CA VAL A 124 -12.44 27.22 12.65
C VAL A 124 -12.78 26.27 13.81
N GLY A 125 -13.94 25.66 13.73
CA GLY A 125 -14.41 24.75 14.80
C GLY A 125 -13.54 23.52 14.94
N ILE A 126 -13.09 22.99 13.82
CA ILE A 126 -12.16 21.86 13.79
C ILE A 126 -10.79 22.28 14.21
N LYS A 127 -10.29 23.38 13.68
CA LYS A 127 -8.97 23.86 14.03
C LYS A 127 -8.86 24.16 15.52
N ALA A 128 -9.94 24.57 16.16
CA ALA A 128 -9.94 24.90 17.61
C ALA A 128 -9.32 23.81 18.49
N SER A 129 -9.53 22.55 18.11
CA SER A 129 -9.05 21.39 18.87
C SER A 129 -7.86 20.68 18.23
N LEU A 130 -7.14 21.35 17.34
CA LEU A 130 -6.11 20.73 16.54
C LEU A 130 -4.79 21.39 16.83
N ASN A 131 -3.86 20.59 17.33
CA ASN A 131 -2.51 21.02 17.68
C ASN A 131 -2.62 22.16 18.67
N LEU A 132 -2.04 23.32 18.35
CA LEU A 132 -2.05 24.48 19.24
C LEU A 132 -3.37 25.27 19.23
N GLY A 133 -4.34 24.86 18.42
CA GLY A 133 -5.61 25.55 18.36
C GLY A 133 -5.53 26.92 17.68
N LEU A 134 -6.50 27.77 17.97
CA LEU A 134 -6.60 29.06 17.30
C LEU A 134 -5.57 30.06 17.85
N ASN A 135 -4.90 30.75 16.95
CA ASN A 135 -4.12 31.94 17.31
C ASN A 135 -5.04 33.10 17.71
N GLY A 136 -4.45 34.18 18.21
CA GLY A 136 -5.23 35.35 18.61
C GLY A 136 -6.01 35.96 17.46
N SER A 137 -5.41 35.94 16.28
CA SER A 137 -6.01 36.51 15.08
C SER A 137 -7.38 35.90 14.78
N LEU A 138 -7.52 34.60 15.01
CA LEU A 138 -8.76 33.85 14.76
C LEU A 138 -9.79 34.01 15.88
N LYS A 139 -9.32 34.05 17.12
CA LYS A 139 -10.20 34.32 18.24
C LYS A 139 -10.86 35.72 18.17
N GLU A 140 -10.09 36.71 17.71
CA GLU A 140 -10.64 38.07 17.48
C GLU A 140 -11.67 37.98 16.35
N ALA A 141 -11.25 37.44 15.22
CA ALA A 141 -12.12 37.35 14.05
C ALA A 141 -13.38 36.44 14.20
N PHE A 142 -13.32 35.51 15.16
CA PHE A 142 -14.41 34.56 15.44
C PHE A 142 -14.64 34.45 16.94
N PRO A 143 -15.21 35.49 17.56
CA PRO A 143 -15.32 35.53 19.03
C PRO A 143 -16.09 34.36 19.64
N ASN A 144 -17.07 33.84 18.90
CA ASN A 144 -17.88 32.66 19.29
C ASN A 144 -17.21 31.29 19.06
N TRP A 145 -15.89 31.28 18.89
CA TRP A 145 -15.15 30.05 18.60
C TRP A 145 -15.40 28.90 19.59
N GLU A 146 -15.59 29.26 20.86
CA GLU A 146 -15.90 28.29 21.91
C GLU A 146 -17.09 27.40 21.54
N GLU A 147 -18.12 28.02 20.98
CA GLU A 147 -19.35 27.31 20.59
C GLU A 147 -19.14 26.44 19.34
N LEU A 148 -18.28 26.91 18.43
CA LEU A 148 -17.98 26.19 17.19
C LEU A 148 -17.12 24.96 17.43
N GLN A 149 -16.21 25.09 18.40
CA GLN A 149 -15.18 24.10 18.70
C GLN A 149 -15.75 22.69 18.81
N ILE A 150 -14.99 21.72 18.31
CA ILE A 150 -15.44 20.33 18.30
C ILE A 150 -14.68 19.48 19.30
N ASP A 151 -15.33 18.44 19.79
CA ASP A 151 -14.70 17.52 20.71
C ASP A 151 -13.49 16.88 20.05
N ARG A 152 -12.35 17.00 20.71
CA ARG A 152 -11.17 16.24 20.34
C ARG A 152 -11.59 14.78 20.38
N PRO A 153 -11.25 13.99 19.35
CA PRO A 153 -11.56 12.56 19.44
C PRO A 153 -10.80 11.95 20.57
N SER A 154 -11.44 11.05 21.31
CA SER A 154 -10.79 10.42 22.42
C SER A 154 -9.82 9.37 21.88
N TYR A 155 -8.82 9.07 22.69
CA TYR A 155 -7.66 8.29 22.27
C TYR A 155 -7.40 7.19 23.28
N VAL A 156 -7.70 5.97 22.88
CA VAL A 156 -7.36 4.80 23.67
C VAL A 156 -6.31 4.04 22.91
N ASN A 157 -5.23 3.72 23.60
CA ASN A 157 -4.07 3.07 22.99
C ASN A 157 -4.25 1.58 22.78
N LYS A 158 -4.16 1.16 21.52
CA LYS A 158 -4.44 -0.24 21.18
C LYS A 158 -3.17 -1.10 21.09
N GLY A 159 -1.99 -0.52 21.23
CA GLY A 159 -0.75 -1.31 21.33
C GLY A 159 0.31 -0.99 20.29
N ILE A 160 1.48 -1.62 20.43
CA ILE A 160 2.52 -1.65 19.40
C ILE A 160 2.11 -2.61 18.26
N PRO A 161 1.97 -2.11 17.03
CA PRO A 161 1.57 -2.96 15.91
C PRO A 161 2.67 -3.77 15.20
N ASP A 162 3.89 -3.27 15.17
CA ASP A 162 4.94 -3.94 14.42
C ASP A 162 6.28 -3.46 14.92
N PRO A 163 7.28 -4.36 15.06
CA PRO A 163 8.58 -3.89 15.53
C PRO A 163 9.19 -2.78 14.68
N ASN A 164 8.88 -2.72 13.41
CA ASN A 164 9.36 -1.60 12.59
C ASN A 164 8.79 -0.25 13.01
N TRP A 165 7.62 -0.25 13.61
CA TRP A 165 7.05 0.98 14.13
C TRP A 165 7.96 1.51 15.22
N ILE A 166 8.48 0.60 16.04
CA ILE A 166 9.35 1.02 17.12
C ILE A 166 10.60 1.72 16.62
N SER A 167 11.25 1.18 15.59
CA SER A 167 12.49 1.78 15.08
C SER A 167 12.21 3.08 14.34
N GLY A 168 11.07 3.15 13.68
CA GLY A 168 10.62 4.38 13.05
C GLY A 168 10.48 5.47 14.10
N PHE A 169 9.71 5.16 15.14
CA PHE A 169 9.50 6.07 16.24
C PHE A 169 10.79 6.40 17.00
N ALA A 170 11.63 5.41 17.23
CA ALA A 170 12.83 5.59 18.05
C ALA A 170 13.87 6.40 17.29
N SER A 171 13.80 6.31 15.95
CA SER A 171 14.66 7.06 15.06
C SER A 171 14.47 8.56 15.25
N GLY A 172 13.24 8.97 15.53
CA GLY A 172 12.94 10.37 15.71
C GLY A 172 12.85 10.79 17.17
N ASP A 173 12.39 9.92 18.05
CA ASP A 173 12.01 10.32 19.41
C ASP A 173 12.59 9.45 20.49
N SER A 174 13.81 9.00 20.34
CA SER A 174 14.53 8.34 21.44
C SER A 174 15.89 8.96 21.59
N SER A 175 16.53 8.67 22.71
CA SER A 175 17.88 9.20 22.97
C SER A 175 18.86 8.09 23.36
N PHE A 176 20.01 8.07 22.70
CA PHE A 176 21.11 7.19 23.02
C PHE A 176 22.22 8.08 23.49
N ASN A 177 22.62 7.95 24.74
CA ASN A 177 23.66 8.82 25.24
C ASN A 177 24.51 8.23 26.31
N VAL A 178 25.60 8.93 26.57
CA VAL A 178 26.59 8.54 27.55
C VAL A 178 26.44 9.37 28.81
N LYS A 179 26.33 8.69 29.94
CA LYS A 179 25.98 9.31 31.20
C LYS A 179 27.21 9.31 32.08
N ILE A 180 27.90 10.46 32.11
CA ILE A 180 29.15 10.61 32.85
C ILE A 180 28.88 11.28 34.17
N SER A 181 29.60 10.81 35.17
CA SER A 181 29.24 11.07 36.54
C SER A 181 30.46 10.93 37.45
N ASN A 182 30.47 11.67 38.56
CA ASN A 182 31.51 11.48 39.55
C ASN A 182 31.30 10.20 40.34
N SER A 183 32.41 9.54 40.70
CA SER A 183 32.38 8.37 41.58
C SER A 183 33.47 8.40 42.67
N PRO A 184 33.17 9.02 43.82
CA PRO A 184 34.10 9.04 44.95
C PRO A 184 34.80 7.70 45.20
N THR A 185 34.03 6.62 45.22
CA THR A 185 34.53 5.31 45.67
C THR A 185 35.25 4.50 44.59
N SER A 186 35.30 5.01 43.35
CA SER A 186 36.03 4.33 42.28
C SER A 186 37.43 4.90 42.08
N LEU A 187 38.36 4.06 41.67
CA LEU A 187 39.77 4.45 41.44
C LEU A 187 39.96 5.58 40.42
N LEU A 188 39.03 5.78 39.51
CA LEU A 188 39.17 6.84 38.51
C LEU A 188 38.55 8.15 38.96
N ASN A 189 37.87 8.13 40.10
CA ASN A 189 37.08 9.28 40.57
C ASN A 189 36.10 9.81 39.51
N LYS A 190 35.73 8.93 38.57
CA LYS A 190 34.78 9.18 37.49
C LYS A 190 34.23 7.84 36.99
N ARG A 191 33.22 7.91 36.14
CA ARG A 191 32.26 6.85 35.99
C ARG A 191 31.44 6.95 34.68
N VAL A 192 31.11 5.83 34.03
CA VAL A 192 30.29 5.89 32.81
C VAL A 192 29.11 4.93 32.88
N GLN A 193 28.00 5.33 32.28
CA GLN A 193 26.85 4.47 32.08
C GLN A 193 26.29 4.74 30.71
N LEU A 194 25.68 3.73 30.09
CA LEU A 194 24.96 3.95 28.86
C LEU A 194 23.49 4.08 29.19
N ARG A 195 22.82 4.89 28.39
CA ARG A 195 21.45 5.22 28.63
C ARG A 195 20.71 5.25 27.34
N PHE A 196 19.61 4.53 27.30
CA PHE A 196 18.62 4.60 26.23
C PHE A 196 17.33 5.05 26.87
N GLY A 197 16.75 6.12 26.35
CA GLY A 197 15.49 6.57 26.88
C GLY A 197 14.51 6.98 25.82
N ILE A 198 13.24 6.97 26.19
CA ILE A 198 12.19 7.65 25.44
C ILE A 198 11.35 8.54 26.38
N GLY A 199 11.28 9.83 26.05
CA GLY A 199 10.50 10.79 26.81
C GLY A 199 9.33 11.35 26.03
N LEU A 200 8.12 11.08 26.50
CA LEU A 200 6.89 11.57 25.89
C LEU A 200 6.03 12.37 26.88
N ASN A 201 4.92 12.91 26.39
CA ASN A 201 3.97 13.62 27.22
C ASN A 201 3.10 12.63 27.99
N ILE A 202 2.65 13.01 29.18
CA ILE A 202 2.00 12.08 30.09
C ILE A 202 0.79 11.34 29.53
N ARG A 203 0.10 11.93 28.56
CA ARG A 203 -1.00 11.22 27.87
C ARG A 203 -0.56 9.96 27.13
N GLU A 204 0.74 9.77 26.96
CA GLU A 204 1.25 8.51 26.43
C GLU A 204 1.70 7.53 27.50
N LYS A 205 1.14 7.61 28.70
CA LYS A 205 1.53 6.69 29.79
C LYS A 205 1.44 5.24 29.31
N ALA A 206 0.34 4.93 28.63
CA ALA A 206 0.05 3.57 28.23
C ALA A 206 1.09 3.08 27.22
N LEU A 207 1.47 3.96 26.30
CA LEU A 207 2.48 3.62 25.32
C LEU A 207 3.83 3.33 25.99
N ILE A 208 4.22 4.17 26.93
CA ILE A 208 5.45 3.96 27.63
C ILE A 208 5.42 2.62 28.34
N GLN A 209 4.26 2.23 28.86
CA GLN A 209 4.14 0.92 29.52
C GLN A 209 4.20 -0.18 28.48
N TYR A 210 3.54 0.02 27.35
CA TYR A 210 3.60 -0.97 26.28
C TYR A 210 5.00 -1.14 25.72
N LEU A 211 5.75 -0.04 25.61
CA LEU A 211 7.16 -0.09 25.15
C LEU A 211 8.07 -0.87 26.09
N VAL A 212 8.00 -0.55 27.36
CA VAL A 212 8.87 -1.23 28.32
C VAL A 212 8.51 -2.72 28.39
N ALA A 213 7.23 -3.07 28.28
CA ALA A 213 6.85 -4.47 28.14
C ALA A 213 7.36 -5.10 26.84
N TYR A 214 7.50 -4.32 25.78
CA TYR A 214 7.88 -4.88 24.48
C TYR A 214 9.33 -5.29 24.44
N PHE A 215 10.17 -4.53 25.13
CA PHE A 215 11.60 -4.80 25.23
C PHE A 215 11.93 -5.83 26.31
N ASP A 216 10.94 -6.18 27.11
CA ASP A 216 11.12 -7.09 28.23
C ASP A 216 11.96 -6.46 29.33
N LEU A 217 11.62 -5.23 29.66
CA LEU A 217 12.24 -4.46 30.73
C LEU A 217 11.28 -4.26 31.91
N SER A 218 10.00 -4.55 31.68
CA SER A 218 8.95 -4.30 32.68
C SER A 218 9.24 -4.95 34.03
N ASP A 219 10.05 -6.00 34.06
CA ASP A 219 10.47 -6.62 35.30
C ASP A 219 10.82 -5.55 36.35
N ASN A 220 10.44 -5.78 37.61
CA ASN A 220 10.76 -4.88 38.74
C ASN A 220 9.75 -3.72 39.00
N LEU A 221 9.12 -3.22 37.94
CA LEU A 221 8.09 -2.14 37.99
C LEU A 221 8.69 -0.73 38.14
N LYS A 222 9.83 -0.52 37.47
CA LYS A 222 10.70 0.62 37.72
C LYS A 222 11.54 0.99 36.49
N ASN A 223 12.24 2.12 36.61
CA ASN A 223 12.87 2.80 35.46
C ASN A 223 11.83 3.43 34.51
N ILE A 224 10.58 3.48 34.98
CA ILE A 224 9.48 4.20 34.35
C ILE A 224 9.22 5.36 35.29
N TYR A 225 8.92 6.55 34.74
CA TYR A 225 8.65 7.79 35.52
C TYR A 225 7.45 8.57 35.02
N PHE A 226 6.54 8.94 35.92
CA PHE A 226 5.42 9.84 35.61
C PHE A 226 5.42 11.15 36.41
N ASP A 227 6.28 12.08 35.98
CA ASP A 227 6.14 13.53 36.18
C ASP A 227 4.75 13.98 35.77
N LEU A 228 4.39 15.20 36.16
CA LEU A 228 3.07 15.75 35.83
C LEU A 228 2.95 16.08 34.37
N ASN A 229 4.06 16.38 33.70
CA ASN A 229 3.99 16.66 32.28
C ASN A 229 4.47 15.51 31.38
N SER A 230 5.36 14.67 31.93
CA SER A 230 6.15 13.75 31.12
C SER A 230 6.04 12.31 31.61
N ALA A 231 5.84 11.38 30.68
CA ALA A 231 6.00 9.95 30.93
C ALA A 231 7.25 9.47 30.19
N ARG A 232 8.13 8.78 30.89
CA ARG A 232 9.48 8.49 30.41
C ARG A 232 9.96 7.15 30.86
N PHE A 233 10.83 6.53 30.07
CA PHE A 233 11.62 5.45 30.62
C PHE A 233 13.05 5.53 30.16
N GLU A 234 13.95 5.08 31.04
CA GLU A 234 15.36 5.11 30.80
C GLU A 234 15.91 3.78 31.19
N VAL A 235 16.74 3.21 30.33
CA VAL A 235 17.46 1.99 30.63
C VAL A 235 18.92 2.38 30.84
N VAL A 236 19.46 2.00 32.00
CA VAL A 236 20.88 2.19 32.27
C VAL A 236 21.58 0.95 32.75
N LYS A 237 20.84 -0.13 32.97
CA LYS A 237 21.44 -1.39 33.37
C LYS A 237 22.21 -1.97 32.20
N PHE A 238 23.53 -1.99 32.31
CA PHE A 238 24.35 -2.42 31.18
C PHE A 238 23.88 -3.72 30.53
N SER A 239 23.41 -4.66 31.34
CA SER A 239 22.96 -5.95 30.82
C SER A 239 21.67 -5.79 30.01
N ASP A 240 20.78 -4.93 30.50
CA ASP A 240 19.56 -4.63 29.76
C ASP A 240 19.88 -3.95 28.41
N ILE A 241 20.85 -3.07 28.41
CA ILE A 241 21.29 -2.46 27.15
C ILE A 241 21.94 -3.44 26.19
N THR A 242 22.74 -4.32 26.75
CA THR A 242 23.48 -5.31 25.98
C THR A 242 22.61 -6.46 25.45
N ASP A 243 21.65 -6.90 26.27
CA ASP A 243 20.85 -8.09 25.95
C ASP A 243 19.45 -7.81 25.40
N LYS A 244 18.93 -6.60 25.60
CA LYS A 244 17.57 -6.27 25.13
C LYS A 244 17.45 -5.09 24.16
N ILE A 245 18.18 -4.02 24.42
CA ILE A 245 18.10 -2.83 23.55
C ILE A 245 18.91 -2.98 22.27
N ILE A 246 20.19 -3.25 22.41
CA ILE A 246 21.07 -3.37 21.23
C ILE A 246 20.58 -4.49 20.30
N PRO A 247 20.35 -5.69 20.82
CA PRO A 247 19.86 -6.76 19.93
C PRO A 247 18.61 -6.39 19.16
N PHE A 248 17.79 -5.52 19.70
CA PHE A 248 16.58 -5.15 19.01
C PHE A 248 16.95 -4.28 17.84
N PHE A 249 17.74 -3.26 18.11
CA PHE A 249 18.04 -2.25 17.12
C PHE A 249 19.10 -2.66 16.15
N ASP A 250 19.78 -3.75 16.44
CA ASP A 250 20.66 -4.37 15.47
C ASP A 250 19.80 -4.96 14.36
N LYS A 251 18.59 -5.36 14.71
CA LYS A 251 17.71 -6.06 13.79
C LYS A 251 16.71 -5.13 13.08
N TYR A 252 16.13 -4.22 13.85
CA TYR A 252 15.20 -3.20 13.37
C TYR A 252 15.92 -1.88 13.53
N SER A 253 16.64 -1.47 12.52
CA SER A 253 17.66 -0.46 12.75
C SER A 253 17.16 0.97 12.68
N ILE A 254 17.78 1.77 13.53
CA ILE A 254 17.63 3.19 13.56
C ILE A 254 18.10 3.77 12.23
N GLN A 255 17.32 4.69 11.72
CA GLN A 255 17.58 5.32 10.45
C GLN A 255 17.70 6.83 10.66
N GLY A 256 18.35 7.53 9.74
CA GLY A 256 18.55 8.98 9.85
C GLY A 256 19.76 9.33 10.69
N LYS A 257 19.81 10.57 11.17
CA LYS A 257 21.01 11.09 11.83
C LYS A 257 21.31 10.40 13.15
N LYS A 258 20.26 9.90 13.80
CA LYS A 258 20.41 9.14 15.05
C LYS A 258 21.15 7.80 14.91
N SER A 259 21.34 7.29 13.71
CA SER A 259 22.15 6.08 13.55
C SER A 259 23.65 6.32 13.77
N GLN A 260 24.14 7.50 13.40
CA GLN A 260 25.51 7.87 13.70
C GLN A 260 25.72 7.81 15.21
N ASP A 261 24.66 8.13 15.95
CA ASP A 261 24.69 8.10 17.41
C ASP A 261 24.60 6.67 17.98
N TYR A 262 23.74 5.86 17.38
CA TYR A 262 23.55 4.47 17.82
C TYR A 262 24.86 3.74 17.65
N GLN A 263 25.50 4.02 16.53
CA GLN A 263 26.79 3.44 16.20
C GLN A 263 27.85 3.75 17.26
N ASN A 264 27.89 5.00 17.71
CA ASN A 264 28.82 5.38 18.78
C ASN A 264 28.45 4.82 20.13
N PHE A 265 27.16 4.77 20.40
CA PHE A 265 26.58 4.07 21.55
C PHE A 265 27.17 2.66 21.63
N LYS A 266 27.16 1.94 20.51
CA LYS A 266 27.69 0.57 20.48
C LYS A 266 29.20 0.52 20.64
N GLU A 267 29.90 1.47 20.03
CA GLU A 267 31.34 1.56 20.21
C GLU A 267 31.65 1.62 21.72
N VAL A 268 30.92 2.47 22.42
CA VAL A 268 31.12 2.63 23.85
C VAL A 268 30.75 1.34 24.58
N ALA A 269 29.62 0.76 24.23
CA ALA A 269 29.21 -0.52 24.79
C ALA A 269 30.30 -1.58 24.62
N ASP A 270 30.97 -1.57 23.46
CA ASP A 270 32.09 -2.50 23.21
C ASP A 270 33.24 -2.24 24.19
N ILE A 271 33.54 -0.97 24.46
CA ILE A 271 34.61 -0.59 25.40
C ILE A 271 34.30 -1.01 26.83
N ILE A 272 33.06 -0.80 27.24
CA ILE A 272 32.66 -1.18 28.59
C ILE A 272 32.68 -2.71 28.77
N LYS A 273 32.23 -3.42 27.77
CA LYS A 273 32.10 -4.85 27.86
C LYS A 273 33.47 -5.49 28.03
N SER A 274 34.49 -4.81 27.52
CA SER A 274 35.86 -5.29 27.62
C SER A 274 36.63 -4.67 28.80
N LYS A 275 35.93 -4.07 29.74
CA LYS A 275 36.54 -3.50 30.95
C LYS A 275 37.60 -2.44 30.71
N ASN A 276 37.58 -1.83 29.53
CA ASN A 276 38.58 -0.84 29.19
C ASN A 276 38.20 0.59 29.59
N HIS A 277 37.00 0.73 30.14
CA HIS A 277 36.52 2.00 30.68
C HIS A 277 37.07 2.29 32.08
N LEU A 278 37.81 1.33 32.63
CA LEU A 278 38.44 1.50 33.94
C LEU A 278 39.87 2.02 33.83
N THR A 279 40.40 2.01 32.61
CA THR A 279 41.69 2.60 32.30
C THR A 279 41.40 4.03 31.90
N SER A 280 42.36 4.92 32.07
CA SER A 280 42.14 6.34 31.74
C SER A 280 42.15 6.56 30.22
N GLU A 281 42.94 5.74 29.51
CA GLU A 281 42.98 5.81 28.04
C GLU A 281 41.59 5.55 27.49
N GLY A 282 40.97 4.49 27.97
CA GLY A 282 39.64 4.12 27.52
C GLY A 282 38.56 5.11 27.94
N PHE A 283 38.67 5.64 29.14
CA PHE A 283 37.68 6.59 29.60
C PHE A 283 37.73 7.86 28.75
N GLN A 284 38.94 8.22 28.30
CA GLN A 284 39.11 9.34 27.37
C GLN A 284 38.49 9.01 26.03
N GLU A 285 38.74 7.79 25.55
CA GLU A 285 38.15 7.29 24.30
C GLU A 285 36.65 7.58 24.35
N ILE A 286 36.03 7.20 25.45
CA ILE A 286 34.62 7.43 25.65
C ILE A 286 34.25 8.89 25.68
N LEU A 287 34.98 9.69 26.44
CA LEU A 287 34.71 11.13 26.47
C LEU A 287 34.81 11.75 25.09
N ASP A 288 35.77 11.31 24.30
CA ASP A 288 35.92 11.80 22.93
C ASP A 288 34.73 11.41 22.08
N ILE A 289 34.31 10.16 22.22
CA ILE A 289 33.15 9.65 21.51
C ILE A 289 31.95 10.49 21.88
N LYS A 290 31.81 10.72 23.19
CA LYS A 290 30.64 11.44 23.72
C LYS A 290 30.56 12.85 23.20
N ALA A 291 31.69 13.55 23.22
CA ALA A 291 31.80 14.91 22.67
C ALA A 291 31.18 14.99 21.27
N SER A 292 31.54 14.03 20.43
CA SER A 292 31.06 13.98 19.05
C SER A 292 29.66 13.42 18.85
N MET A 293 28.97 12.99 19.89
CA MET A 293 27.61 12.44 19.74
C MET A 293 26.58 13.51 19.89
N ASN A 294 25.43 13.33 19.22
CA ASN A 294 24.24 14.19 19.40
C ASN A 294 24.49 15.70 19.29
N LYS A 295 25.70 16.09 18.85
CA LYS A 295 26.24 17.44 18.92
C LYS A 295 26.86 17.74 17.56
N SER B 1 -20.97 -28.55 -24.09
CA SER B 1 -20.33 -27.81 -25.21
C SER B 1 -19.19 -26.93 -24.69
N PHE B 2 -19.53 -25.99 -23.82
CA PHE B 2 -18.57 -25.04 -23.28
C PHE B 2 -19.11 -24.51 -21.97
N ASN B 3 -18.42 -24.79 -20.88
CA ASN B 3 -18.99 -24.49 -19.58
C ASN B 3 -19.14 -22.98 -19.41
N PRO B 4 -20.33 -22.53 -18.98
CA PRO B 4 -20.55 -21.07 -18.99
C PRO B 4 -19.85 -20.34 -17.84
N TRP B 5 -19.53 -21.05 -16.77
CA TRP B 5 -18.83 -20.44 -15.67
C TRP B 5 -17.35 -20.28 -15.97
N PHE B 6 -16.80 -21.25 -16.67
CA PHE B 6 -15.45 -21.12 -17.15
C PHE B 6 -15.35 -19.86 -17.98
N LEU B 7 -16.30 -19.64 -18.87
CA LEU B 7 -16.30 -18.44 -19.68
C LEU B 7 -16.33 -17.16 -18.86
N THR B 8 -17.13 -17.14 -17.82
CA THR B 8 -17.13 -15.96 -16.95
C THR B 8 -15.81 -15.82 -16.19
N GLY B 9 -15.24 -16.94 -15.74
CA GLY B 9 -13.94 -16.95 -15.09
C GLY B 9 -12.82 -16.46 -15.99
N PHE B 10 -12.83 -16.96 -17.21
CA PHE B 10 -11.84 -16.52 -18.21
C PHE B 10 -12.03 -15.03 -18.55
N SER B 11 -13.27 -14.60 -18.61
CA SER B 11 -13.58 -13.21 -18.93
C SER B 11 -13.18 -12.29 -17.78
N ASP B 12 -13.41 -12.73 -16.55
CA ASP B 12 -12.88 -12.01 -15.38
C ASP B 12 -11.37 -11.82 -15.51
N ALA B 13 -10.69 -12.85 -16.01
CA ALA B 13 -9.24 -12.82 -16.12
C ALA B 13 -8.76 -11.92 -17.21
N GLU B 14 -9.39 -12.02 -18.37
CA GLU B 14 -8.80 -11.56 -19.63
C GLU B 14 -9.62 -10.63 -20.52
N CYS B 15 -10.90 -10.42 -20.26
CA CYS B 15 -11.72 -9.64 -21.21
C CYS B 15 -11.55 -8.16 -20.93
N SER B 16 -12.22 -7.34 -21.73
CA SER B 16 -12.30 -5.91 -21.46
C SER B 16 -13.57 -5.35 -22.12
N PHE B 17 -14.25 -4.45 -21.42
CA PHE B 17 -15.42 -3.76 -21.95
C PHE B 17 -15.09 -2.30 -22.19
N SER B 18 -14.93 -1.91 -23.45
CA SER B 18 -14.59 -0.51 -23.76
C SER B 18 -15.73 0.20 -24.46
N ILE B 19 -15.82 1.51 -24.23
CA ILE B 19 -16.62 2.41 -25.05
C ILE B 19 -15.66 3.43 -25.59
N LEU B 20 -15.40 3.33 -26.89
CA LEU B 20 -14.47 4.20 -27.58
C LEU B 20 -15.23 5.33 -28.24
N ILE B 21 -14.82 6.55 -27.90
CA ILE B 21 -15.36 7.77 -28.44
C ILE B 21 -14.22 8.40 -29.21
N GLN B 22 -14.22 8.17 -30.51
CA GLN B 22 -13.13 8.57 -31.37
C GLN B 22 -13.47 9.83 -32.16
N ALA B 23 -12.52 10.75 -32.22
CA ALA B 23 -12.67 11.98 -32.97
C ALA B 23 -12.77 11.65 -34.44
N ASN B 24 -13.81 12.15 -35.10
CA ASN B 24 -14.06 11.86 -36.51
C ASN B 24 -15.08 12.81 -37.13
N SER B 25 -14.61 13.72 -37.98
CA SER B 25 -15.48 14.78 -38.52
C SER B 25 -16.50 14.30 -39.55
N LYS B 26 -16.29 13.11 -40.12
CA LYS B 26 -17.28 12.49 -41.00
C LYS B 26 -18.59 12.17 -40.26
N TYR B 27 -18.57 12.26 -38.92
CA TYR B 27 -19.79 12.06 -38.10
C TYR B 27 -20.38 13.39 -37.63
N SER B 28 -21.69 13.37 -37.39
CA SER B 28 -22.45 14.61 -37.18
C SER B 28 -22.23 15.23 -35.82
N THR B 29 -21.67 14.48 -34.89
CA THR B 29 -21.31 15.02 -33.57
C THR B 29 -19.81 15.31 -33.48
N GLY B 30 -19.08 14.94 -34.51
CA GLY B 30 -17.62 15.02 -34.53
C GLY B 30 -16.99 13.81 -33.90
N TRP B 31 -17.83 12.85 -33.49
CA TRP B 31 -17.36 11.71 -32.71
C TRP B 31 -18.00 10.42 -33.14
N ARG B 32 -17.18 9.38 -33.31
CA ARG B 32 -17.73 8.04 -33.53
C ARG B 32 -17.74 7.27 -32.24
N ILE B 33 -18.80 6.49 -32.03
CA ILE B 33 -18.97 5.72 -30.81
C ILE B 33 -18.86 4.23 -31.11
N LYS B 34 -17.95 3.58 -30.40
CA LYS B 34 -17.67 2.15 -30.60
C LYS B 34 -17.69 1.37 -29.29
N PRO B 35 -18.69 0.51 -29.10
CA PRO B 35 -18.67 -0.37 -27.95
C PRO B 35 -17.94 -1.68 -28.26
N VAL B 36 -16.94 -2.02 -27.48
CA VAL B 36 -16.12 -3.20 -27.76
C VAL B 36 -15.98 -4.13 -26.55
N PHE B 37 -16.35 -5.38 -26.77
CA PHE B 37 -15.95 -6.51 -25.91
C PHE B 37 -14.80 -7.25 -26.57
N ALA B 38 -13.76 -7.58 -25.84
CA ALA B 38 -12.54 -8.08 -26.44
C ALA B 38 -11.72 -8.95 -25.52
N ILE B 39 -11.28 -10.08 -26.07
CA ILE B 39 -10.29 -10.92 -25.44
C ILE B 39 -9.14 -11.03 -26.41
N GLY B 40 -7.96 -10.60 -25.97
CA GLY B 40 -6.71 -10.72 -26.74
C GLY B 40 -5.83 -11.83 -26.21
N LEU B 41 -5.45 -12.74 -27.09
CA LEU B 41 -4.61 -13.88 -26.74
C LEU B 41 -3.49 -14.03 -27.75
N HIS B 42 -2.51 -14.85 -27.38
CA HIS B 42 -1.43 -15.30 -28.28
C HIS B 42 -2.03 -16.06 -29.47
N LYS B 43 -1.33 -16.08 -30.61
CA LYS B 43 -1.85 -16.75 -31.82
C LYS B 43 -2.10 -18.25 -31.55
N LYS B 44 -1.38 -18.80 -30.58
CA LYS B 44 -1.45 -20.21 -30.20
C LYS B 44 -2.81 -20.62 -29.69
N ASP B 45 -3.58 -19.67 -29.16
CA ASP B 45 -4.90 -19.96 -28.60
C ASP B 45 -6.09 -19.70 -29.53
N ASN B 46 -5.83 -19.62 -30.83
CA ASN B 46 -6.90 -19.42 -31.80
C ASN B 46 -8.03 -20.43 -31.61
N GLU B 47 -7.66 -21.68 -31.33
CA GLU B 47 -8.65 -22.73 -31.11
C GLU B 47 -9.53 -22.50 -29.88
N LEU B 48 -8.97 -21.99 -28.78
CA LEU B 48 -9.79 -21.64 -27.64
C LEU B 48 -10.79 -20.54 -27.98
N LEU B 49 -10.34 -19.51 -28.69
CA LEU B 49 -11.21 -18.39 -29.05
C LEU B 49 -12.27 -18.81 -30.03
N LYS B 50 -11.96 -19.82 -30.84
CA LYS B 50 -12.93 -20.37 -31.79
C LYS B 50 -14.02 -21.12 -31.07
N ARG B 51 -13.67 -21.73 -29.95
CA ARG B 51 -14.65 -22.47 -29.14
C ARG B 51 -15.62 -21.49 -28.51
N ILE B 52 -15.05 -20.44 -27.96
CA ILE B 52 -15.81 -19.34 -27.38
C ILE B 52 -16.69 -18.70 -28.44
N GLN B 53 -16.12 -18.50 -29.62
CA GLN B 53 -16.87 -17.96 -30.75
C GLN B 53 -18.13 -18.78 -31.06
N SER B 54 -17.98 -20.10 -31.11
CA SER B 54 -19.12 -21.01 -31.38
C SER B 54 -20.09 -21.05 -30.24
N TYR B 55 -19.58 -21.07 -29.03
CA TYR B 55 -20.44 -21.14 -27.88
C TYR B 55 -21.40 -19.97 -27.88
N LEU B 56 -20.86 -18.78 -28.05
CA LEU B 56 -21.66 -17.58 -28.10
C LEU B 56 -22.46 -17.42 -29.42
N GLY B 57 -21.93 -18.00 -30.50
CA GLY B 57 -22.53 -17.88 -31.83
C GLY B 57 -22.40 -16.48 -32.41
N VAL B 58 -21.55 -15.65 -31.82
CA VAL B 58 -21.25 -14.30 -32.34
C VAL B 58 -19.78 -13.95 -32.16
N GLY B 59 -19.36 -12.92 -32.89
CA GLY B 59 -18.03 -12.36 -32.73
C GLY B 59 -17.12 -12.79 -33.85
N LYS B 60 -16.05 -12.00 -34.00
CA LYS B 60 -15.05 -12.21 -35.01
C LYS B 60 -13.66 -12.23 -34.36
N ILE B 61 -12.69 -12.90 -34.99
CA ILE B 61 -11.32 -13.00 -34.48
C ILE B 61 -10.30 -12.42 -35.47
N HIS B 62 -9.51 -11.45 -35.03
CA HIS B 62 -8.64 -10.70 -35.92
C HIS B 62 -7.20 -10.70 -35.46
N ILE B 63 -6.31 -10.45 -36.41
CA ILE B 63 -4.91 -10.21 -36.10
C ILE B 63 -4.83 -9.01 -35.16
N HIS B 64 -4.07 -9.17 -34.09
CA HIS B 64 -4.01 -8.21 -32.98
C HIS B 64 -2.61 -7.65 -32.77
N GLY B 65 -1.62 -8.18 -33.49
CA GLY B 65 -0.22 -7.83 -33.28
C GLY B 65 0.71 -8.92 -33.80
N LYS B 66 2.02 -8.75 -33.59
CA LYS B 66 3.03 -9.65 -34.15
C LYS B 66 2.67 -11.12 -33.91
N ASP B 67 2.41 -11.48 -32.67
CA ASP B 67 2.05 -12.86 -32.35
C ASP B 67 0.76 -12.96 -31.55
N SER B 68 -0.24 -12.16 -31.91
CA SER B 68 -1.50 -12.16 -31.16
C SER B 68 -2.76 -12.03 -32.00
N ILE B 69 -3.89 -12.45 -31.42
CA ILE B 69 -5.21 -12.33 -32.05
C ILE B 69 -6.16 -11.73 -31.03
N GLN B 70 -7.27 -11.21 -31.51
CA GLN B 70 -8.28 -10.65 -30.65
C GLN B 70 -9.65 -11.16 -31.05
N PHE B 71 -10.42 -11.65 -30.08
CA PHE B 71 -11.83 -11.97 -30.28
C PHE B 71 -12.60 -10.73 -29.93
N ARG B 72 -13.47 -10.27 -30.82
CA ARG B 72 -14.09 -8.99 -30.66
C ARG B 72 -15.56 -9.07 -30.98
N ILE B 73 -16.37 -8.42 -30.15
CA ILE B 73 -17.77 -8.21 -30.47
C ILE B 73 -17.97 -6.70 -30.41
N ASP B 74 -18.33 -6.07 -31.53
CA ASP B 74 -18.56 -4.61 -31.54
C ASP B 74 -19.96 -4.16 -31.92
N SER B 75 -20.80 -5.07 -32.41
CA SER B 75 -22.15 -4.73 -32.83
C SER B 75 -23.09 -4.75 -31.64
N PRO B 76 -23.95 -3.72 -31.49
CA PRO B 76 -24.95 -3.76 -30.42
C PRO B 76 -25.88 -4.98 -30.44
N LYS B 77 -26.32 -5.42 -31.63
CA LYS B 77 -27.18 -6.60 -31.74
C LYS B 77 -26.49 -7.83 -31.16
N GLU B 78 -25.24 -8.05 -31.57
CA GLU B 78 -24.46 -9.20 -31.12
C GLU B 78 -24.04 -9.11 -29.65
N LEU B 79 -23.85 -7.90 -29.14
CA LEU B 79 -23.52 -7.71 -27.73
C LEU B 79 -24.67 -8.11 -26.78
N GLU B 80 -25.88 -8.22 -27.31
CA GLU B 80 -27.02 -8.71 -26.52
C GLU B 80 -26.75 -10.10 -26.00
N VAL B 81 -26.01 -10.87 -26.77
CA VAL B 81 -25.65 -12.22 -26.41
C VAL B 81 -24.72 -12.22 -25.20
N ILE B 82 -23.66 -11.42 -25.27
CA ILE B 82 -22.61 -11.42 -24.25
C ILE B 82 -23.16 -10.82 -22.98
N ILE B 83 -24.09 -9.90 -23.10
CA ILE B 83 -24.74 -9.33 -21.94
C ILE B 83 -25.66 -10.31 -21.25
N ASN B 84 -26.44 -11.01 -22.05
CA ASN B 84 -27.33 -12.00 -21.50
C ASN B 84 -26.54 -13.03 -20.72
N HIS B 85 -25.41 -13.44 -21.28
CA HIS B 85 -24.55 -14.40 -20.63
C HIS B 85 -24.21 -13.93 -19.22
N PHE B 86 -23.59 -12.75 -19.12
CA PHE B 86 -23.12 -12.27 -17.83
C PHE B 86 -24.23 -11.99 -16.84
N GLU B 87 -25.43 -11.68 -17.32
CA GLU B 87 -26.59 -11.54 -16.42
C GLU B 87 -26.91 -12.87 -15.75
N ASN B 88 -26.64 -13.97 -16.44
CA ASN B 88 -26.87 -15.29 -15.89
C ASN B 88 -25.69 -15.86 -15.13
N TYR B 89 -24.49 -15.43 -15.51
CA TYR B 89 -23.25 -15.96 -14.93
C TYR B 89 -22.34 -14.80 -14.64
N PRO B 90 -22.67 -14.03 -13.61
CA PRO B 90 -22.09 -12.71 -13.42
C PRO B 90 -20.63 -12.70 -13.04
N LEU B 91 -19.92 -11.69 -13.53
CA LEU B 91 -18.52 -11.46 -13.21
C LEU B 91 -18.31 -11.36 -11.72
N VAL B 92 -17.26 -12.02 -11.26
CA VAL B 92 -16.94 -12.13 -9.86
C VAL B 92 -16.02 -11.03 -9.39
N THR B 93 -15.16 -10.53 -10.27
CA THR B 93 -14.15 -9.54 -9.86
C THR B 93 -14.64 -8.09 -10.04
N ALA B 94 -13.74 -7.15 -9.83
CA ALA B 94 -14.06 -5.75 -9.99
C ALA B 94 -14.44 -5.35 -11.41
N LYS B 95 -14.00 -6.13 -12.40
CA LYS B 95 -14.41 -5.93 -13.78
C LYS B 95 -15.91 -5.77 -13.87
N GLN B 96 -16.57 -6.43 -12.94
CA GLN B 96 -17.99 -6.33 -12.74
C GLN B 96 -18.54 -4.90 -12.83
N ALA B 97 -17.71 -3.93 -12.45
CA ALA B 97 -18.17 -2.55 -12.42
C ALA B 97 -17.95 -1.87 -13.73
N ASP B 98 -16.85 -2.19 -14.39
CA ASP B 98 -16.68 -1.78 -15.79
C ASP B 98 -17.83 -2.33 -16.66
N TYR B 99 -18.28 -3.54 -16.36
CA TYR B 99 -19.39 -4.16 -17.09
C TYR B 99 -20.69 -3.36 -16.92
N THR B 100 -21.01 -3.05 -15.67
CA THR B 100 -22.23 -2.29 -15.37
C THR B 100 -22.28 -0.96 -16.11
N LEU B 101 -21.14 -0.30 -16.25
CA LEU B 101 -21.07 0.96 -16.99
C LEU B 101 -21.24 0.73 -18.48
N PHE B 102 -20.60 -0.31 -18.98
CA PHE B 102 -20.74 -0.74 -20.36
C PHE B 102 -22.22 -1.01 -20.72
N LYS B 103 -22.99 -1.63 -19.82
CA LYS B 103 -24.42 -1.79 -20.05
C LYS B 103 -25.13 -0.45 -20.24
N LYS B 104 -24.94 0.45 -19.29
CA LYS B 104 -25.55 1.79 -19.34
C LYS B 104 -25.19 2.51 -20.63
N ALA B 105 -23.93 2.41 -21.02
CA ALA B 105 -23.47 3.02 -22.28
C ALA B 105 -24.22 2.41 -23.44
N LEU B 106 -24.39 1.10 -23.40
CA LEU B 106 -25.01 0.40 -24.50
C LEU B 106 -26.50 0.71 -24.67
N ASP B 107 -27.19 1.10 -23.60
CA ASP B 107 -28.61 1.54 -23.72
C ASP B 107 -28.73 2.84 -24.48
N VAL B 108 -27.89 3.80 -24.13
CA VAL B 108 -27.79 5.03 -24.89
C VAL B 108 -27.65 4.68 -26.37
N ILE B 109 -26.83 3.68 -26.65
CA ILE B 109 -26.51 3.32 -28.02
C ILE B 109 -27.67 2.58 -28.72
N LYS B 110 -28.30 1.64 -28.06
CA LYS B 110 -29.39 0.87 -28.71
C LYS B 110 -30.56 1.74 -29.09
N ASN B 111 -30.64 2.92 -28.47
CA ASN B 111 -31.74 3.87 -28.69
C ASN B 111 -31.33 5.00 -29.58
N LYS B 112 -30.28 4.79 -30.32
CA LYS B 112 -29.81 5.79 -31.27
C LYS B 112 -29.58 7.17 -30.64
N GLU B 113 -29.54 7.24 -29.31
CA GLU B 113 -29.46 8.55 -28.65
C GLU B 113 -28.01 9.03 -28.46
N HIS B 114 -27.05 8.22 -28.91
CA HIS B 114 -25.64 8.64 -28.99
C HIS B 114 -25.35 9.58 -30.17
N LEU B 115 -26.28 9.65 -31.12
CA LEU B 115 -26.16 10.54 -32.28
C LEU B 115 -26.65 11.96 -32.00
N SER B 116 -27.09 12.22 -30.77
CA SER B 116 -27.44 13.56 -30.34
C SER B 116 -26.39 14.07 -29.35
N GLN B 117 -26.41 15.37 -29.09
CA GLN B 117 -25.47 15.97 -28.15
C GLN B 117 -25.73 15.50 -26.71
N LYS B 118 -27.00 15.46 -26.31
CA LYS B 118 -27.39 15.01 -24.97
C LYS B 118 -26.89 13.58 -24.70
N GLY B 119 -26.96 12.74 -25.74
CA GLY B 119 -26.50 11.35 -25.63
C GLY B 119 -24.99 11.24 -25.55
N LEU B 120 -24.30 12.03 -26.36
CA LEU B 120 -22.84 12.06 -26.33
C LEU B 120 -22.33 12.48 -24.95
N LEU B 121 -22.93 13.52 -24.40
CA LEU B 121 -22.56 13.99 -23.06
C LEU B 121 -22.71 12.89 -22.03
N LYS B 122 -23.78 12.12 -22.16
CA LYS B 122 -24.02 11.00 -21.28
C LYS B 122 -22.88 9.99 -21.38
N LEU B 123 -22.44 9.66 -22.59
CA LEU B 123 -21.36 8.68 -22.78
C LEU B 123 -20.03 9.17 -22.24
N VAL B 124 -19.67 10.42 -22.50
CA VAL B 124 -18.47 10.99 -21.90
C VAL B 124 -18.51 10.86 -20.37
N GLY B 125 -19.68 11.10 -19.80
CA GLY B 125 -19.87 10.95 -18.36
C GLY B 125 -19.70 9.54 -17.84
N ILE B 126 -20.18 8.58 -18.62
CA ILE B 126 -20.01 7.17 -18.29
C ILE B 126 -18.59 6.71 -18.53
N LYS B 127 -18.03 7.10 -19.68
CA LYS B 127 -16.65 6.71 -20.00
C LYS B 127 -15.64 7.28 -18.99
N ALA B 128 -15.94 8.41 -18.39
CA ALA B 128 -15.05 9.01 -17.38
C ALA B 128 -14.59 8.02 -16.28
N SER B 129 -15.49 7.13 -15.88
CA SER B 129 -15.24 6.19 -14.78
C SER B 129 -15.02 4.79 -15.26
N LEU B 130 -14.69 4.62 -16.53
CA LEU B 130 -14.61 3.29 -17.15
C LEU B 130 -13.20 3.00 -17.62
N ASN B 131 -12.61 1.95 -17.06
CA ASN B 131 -11.26 1.53 -17.37
C ASN B 131 -10.31 2.70 -17.14
N LEU B 132 -9.57 3.10 -18.17
CA LEU B 132 -8.60 4.19 -18.04
C LEU B 132 -9.22 5.58 -18.10
N GLY B 133 -10.53 5.68 -18.26
CA GLY B 133 -11.20 6.99 -18.25
C GLY B 133 -10.90 7.78 -19.51
N LEU B 134 -11.07 9.08 -19.43
CA LEU B 134 -10.94 9.92 -20.61
C LEU B 134 -9.46 10.13 -20.94
N ASN B 135 -9.12 9.98 -22.22
CA ASN B 135 -7.85 10.46 -22.74
C ASN B 135 -7.80 11.98 -22.76
N GLY B 136 -6.63 12.54 -23.06
CA GLY B 136 -6.47 14.00 -23.12
C GLY B 136 -7.36 14.66 -24.18
N SER B 137 -7.56 13.94 -25.28
CA SER B 137 -8.39 14.44 -26.38
C SER B 137 -9.83 14.77 -25.93
N LEU B 138 -10.37 13.96 -25.01
CA LEU B 138 -11.74 14.12 -24.53
C LEU B 138 -11.86 15.17 -23.43
N LYS B 139 -10.86 15.22 -22.56
CA LYS B 139 -10.79 16.28 -21.55
C LYS B 139 -10.68 17.69 -22.15
N GLU B 140 -9.92 17.81 -23.24
CA GLU B 140 -9.83 19.07 -23.98
C GLU B 140 -11.20 19.39 -24.58
N ALA B 141 -11.74 18.46 -25.35
CA ALA B 141 -13.03 18.64 -26.05
C ALA B 141 -14.27 18.77 -25.12
N PHE B 142 -14.14 18.30 -23.88
CA PHE B 142 -15.22 18.37 -22.87
C PHE B 142 -14.67 18.82 -21.50
N PRO B 143 -14.32 20.11 -21.36
CA PRO B 143 -13.61 20.60 -20.16
C PRO B 143 -14.37 20.39 -18.84
N ASN B 144 -15.70 20.41 -18.94
CA ASN B 144 -16.60 20.13 -17.80
C ASN B 144 -16.84 18.64 -17.48
N TRP B 145 -15.97 17.77 -17.96
CA TRP B 145 -16.13 16.32 -17.77
C TRP B 145 -16.32 15.87 -16.32
N GLU B 146 -15.67 16.58 -15.40
CA GLU B 146 -15.79 16.33 -13.97
C GLU B 146 -17.25 16.32 -13.55
N GLU B 147 -18.02 17.29 -14.06
CA GLU B 147 -19.43 17.45 -13.70
C GLU B 147 -20.32 16.38 -14.35
N LEU B 148 -19.93 15.93 -15.53
CA LEU B 148 -20.65 14.85 -16.24
C LEU B 148 -20.41 13.46 -15.63
N GLN B 149 -19.19 13.26 -15.14
CA GLN B 149 -18.73 11.97 -14.65
C GLN B 149 -19.72 11.31 -13.70
N ILE B 150 -19.83 10.00 -13.79
CA ILE B 150 -20.75 9.24 -12.94
C ILE B 150 -20.03 8.41 -11.89
N ASP B 151 -20.70 8.15 -10.77
CA ASP B 151 -20.15 7.31 -9.71
C ASP B 151 -19.84 5.93 -10.28
N ARG B 152 -18.59 5.50 -10.11
CA ARG B 152 -18.22 4.12 -10.35
C ARG B 152 -19.12 3.31 -9.43
N PRO B 153 -19.75 2.23 -9.93
CA PRO B 153 -20.49 1.38 -9.01
C PRO B 153 -19.56 0.76 -7.99
N SER B 154 -20.00 0.68 -6.75
CA SER B 154 -19.15 0.08 -5.72
C SER B 154 -19.16 -1.44 -5.88
N TYR B 155 -18.12 -2.08 -5.34
CA TYR B 155 -17.88 -3.49 -5.59
C TYR B 155 -17.65 -4.25 -4.29
N VAL B 156 -18.64 -5.06 -3.95
CA VAL B 156 -18.52 -5.97 -2.80
C VAL B 156 -18.53 -7.39 -3.33
N ASN B 157 -17.57 -8.18 -2.87
CA ASN B 157 -17.47 -9.57 -3.29
C ASN B 157 -18.59 -10.45 -2.75
N LYS B 158 -19.06 -11.37 -3.59
CA LYS B 158 -20.17 -12.26 -3.22
C LYS B 158 -19.66 -13.65 -2.82
N GLY B 159 -18.63 -14.12 -3.51
CA GLY B 159 -18.06 -15.44 -3.24
C GLY B 159 -17.89 -16.24 -4.52
N ILE B 160 -16.93 -17.16 -4.52
CA ILE B 160 -16.73 -18.08 -5.66
C ILE B 160 -18.04 -18.80 -5.98
N PRO B 161 -18.58 -18.63 -7.20
CA PRO B 161 -19.88 -19.23 -7.53
C PRO B 161 -19.85 -20.67 -8.00
N ASP B 162 -18.78 -21.11 -8.64
CA ASP B 162 -18.75 -22.44 -9.24
C ASP B 162 -17.29 -22.81 -9.48
N PRO B 163 -16.91 -24.06 -9.21
CA PRO B 163 -15.52 -24.45 -9.45
C PRO B 163 -15.03 -24.19 -10.89
N ASN B 164 -15.93 -24.23 -11.86
CA ASN B 164 -15.51 -23.90 -13.22
C ASN B 164 -15.07 -22.46 -13.39
N TRP B 165 -15.60 -21.57 -12.57
CA TRP B 165 -15.16 -20.21 -12.60
C TRP B 165 -13.69 -20.14 -12.24
N ILE B 166 -13.27 -20.97 -11.28
CA ILE B 166 -11.87 -20.96 -10.84
C ILE B 166 -10.91 -21.40 -11.96
N SER B 167 -11.24 -22.44 -12.70
CA SER B 167 -10.37 -22.88 -13.81
C SER B 167 -10.38 -21.94 -15.00
N GLY B 168 -11.52 -21.30 -15.23
CA GLY B 168 -11.63 -20.23 -16.20
C GLY B 168 -10.68 -19.10 -15.84
N PHE B 169 -10.83 -18.59 -14.63
CA PHE B 169 -9.96 -17.51 -14.15
C PHE B 169 -8.48 -17.90 -14.06
N ALA B 170 -8.22 -19.11 -13.59
CA ALA B 170 -6.84 -19.57 -13.41
C ALA B 170 -6.17 -19.79 -14.75
N SER B 171 -6.97 -20.11 -15.76
CA SER B 171 -6.50 -20.35 -17.13
C SER B 171 -5.85 -19.10 -17.71
N GLY B 172 -6.36 -17.93 -17.33
CA GLY B 172 -5.85 -16.67 -17.86
C GLY B 172 -4.90 -15.87 -17.00
N ASP B 173 -5.06 -16.02 -15.69
CA ASP B 173 -4.32 -15.17 -14.76
C ASP B 173 -3.79 -15.88 -13.50
N SER B 174 -3.36 -17.13 -13.64
CA SER B 174 -2.59 -17.80 -12.59
C SER B 174 -1.27 -18.16 -13.17
N SER B 175 -0.33 -18.55 -12.30
CA SER B 175 0.97 -19.03 -12.76
C SER B 175 1.34 -20.39 -12.15
N PHE B 176 1.78 -21.31 -13.01
CA PHE B 176 2.38 -22.59 -12.59
C PHE B 176 3.84 -22.53 -12.96
N ASN B 177 4.74 -22.60 -11.98
CA ASN B 177 6.14 -22.51 -12.31
C ASN B 177 7.04 -23.25 -11.37
N VAL B 178 8.29 -23.37 -11.82
CA VAL B 178 9.34 -24.07 -11.10
C VAL B 178 10.24 -23.04 -10.42
N LYS B 179 10.44 -23.22 -9.13
CA LYS B 179 11.14 -22.25 -8.30
C LYS B 179 12.49 -22.83 -7.92
N ILE B 180 13.52 -22.39 -8.64
CA ILE B 180 14.88 -22.90 -8.47
C ILE B 180 15.67 -21.94 -7.63
N SER B 181 16.51 -22.49 -6.78
CA SER B 181 17.09 -21.76 -5.68
C SER B 181 18.40 -22.41 -5.24
N ASN B 182 19.30 -21.61 -4.70
CA ASN B 182 20.52 -22.17 -4.11
C ASN B 182 20.23 -22.82 -2.77
N SER B 183 20.94 -23.93 -2.50
CA SER B 183 20.87 -24.61 -1.19
C SER B 183 22.25 -25.03 -0.66
N PRO B 184 22.94 -24.14 0.08
CA PRO B 184 24.21 -24.48 0.71
C PRO B 184 24.23 -25.85 1.36
N THR B 185 23.18 -26.16 2.11
CA THR B 185 23.16 -27.37 2.96
C THR B 185 22.77 -28.65 2.24
N SER B 186 22.41 -28.56 0.98
CA SER B 186 22.07 -29.76 0.22
C SER B 186 23.25 -30.22 -0.63
N LEU B 187 23.35 -31.54 -0.82
CA LEU B 187 24.44 -32.14 -1.60
C LEU B 187 24.50 -31.68 -3.05
N LEU B 188 23.39 -31.19 -3.60
CA LEU B 188 23.38 -30.71 -4.98
C LEU B 188 23.72 -29.24 -5.11
N ASN B 189 23.86 -28.57 -3.97
CA ASN B 189 24.09 -27.11 -3.93
C ASN B 189 23.05 -26.33 -4.75
N LYS B 190 21.89 -26.95 -4.93
CA LYS B 190 20.72 -26.39 -5.63
C LYS B 190 19.45 -27.15 -5.18
N ARG B 191 18.29 -26.65 -5.55
CA ARG B 191 17.02 -27.14 -4.99
C ARG B 191 15.81 -26.69 -5.83
N VAL B 192 14.71 -27.42 -5.72
CA VAL B 192 13.54 -27.16 -6.53
C VAL B 192 12.26 -27.12 -5.69
N GLN B 193 11.34 -26.26 -6.08
CA GLN B 193 10.02 -26.21 -5.46
C GLN B 193 9.04 -25.96 -6.56
N LEU B 194 7.83 -26.46 -6.38
CA LEU B 194 6.75 -26.11 -7.28
C LEU B 194 5.94 -25.02 -6.67
N ARG B 195 5.42 -24.15 -7.53
CA ARG B 195 4.72 -22.96 -7.11
C ARG B 195 3.51 -22.75 -8.00
N PHE B 196 2.36 -22.60 -7.35
CA PHE B 196 1.13 -22.17 -8.00
C PHE B 196 0.73 -20.88 -7.33
N GLY B 197 0.54 -19.83 -8.11
CA GLY B 197 0.16 -18.57 -7.53
C GLY B 197 -0.87 -17.82 -8.34
N ILE B 198 -1.55 -16.90 -7.66
CA ILE B 198 -2.42 -15.92 -8.28
C ILE B 198 -2.10 -14.55 -7.69
N GLY B 199 -1.73 -13.61 -8.55
CA GLY B 199 -1.46 -12.23 -8.16
C GLY B 199 -2.46 -11.24 -8.73
N LEU B 200 -3.21 -10.58 -7.86
CA LEU B 200 -4.21 -9.57 -8.25
C LEU B 200 -3.93 -8.23 -7.57
N ASN B 201 -4.75 -7.24 -7.91
CA ASN B 201 -4.67 -5.92 -7.30
C ASN B 201 -5.36 -5.93 -5.93
N ILE B 202 -4.88 -5.10 -5.00
CA ILE B 202 -5.30 -5.20 -3.59
C ILE B 202 -6.81 -5.15 -3.34
N ARG B 203 -7.55 -4.44 -4.19
CA ARG B 203 -9.01 -4.43 -4.09
C ARG B 203 -9.65 -5.82 -4.19
N GLU B 204 -8.90 -6.82 -4.61
CA GLU B 204 -9.39 -8.19 -4.62
C GLU B 204 -8.96 -8.97 -3.39
N LYS B 205 -8.68 -8.28 -2.28
CA LYS B 205 -8.22 -8.96 -1.07
C LYS B 205 -9.19 -10.08 -0.75
N ALA B 206 -10.48 -9.75 -0.82
CA ALA B 206 -11.53 -10.65 -0.35
C ALA B 206 -11.55 -11.89 -1.22
N LEU B 207 -11.35 -11.69 -2.51
CA LEU B 207 -11.28 -12.81 -3.46
C LEU B 207 -10.09 -13.72 -3.14
N ILE B 208 -8.95 -13.13 -2.91
CA ILE B 208 -7.76 -13.92 -2.57
C ILE B 208 -7.99 -14.70 -1.27
N GLN B 209 -8.74 -14.12 -0.34
CA GLN B 209 -9.10 -14.86 0.87
C GLN B 209 -10.12 -15.96 0.58
N TYR B 210 -11.09 -15.67 -0.28
CA TYR B 210 -12.06 -16.70 -0.65
C TYR B 210 -11.39 -17.84 -1.42
N LEU B 211 -10.42 -17.53 -2.27
CA LEU B 211 -9.69 -18.57 -3.04
C LEU B 211 -8.89 -19.50 -2.12
N VAL B 212 -8.13 -18.93 -1.19
CA VAL B 212 -7.34 -19.75 -0.25
C VAL B 212 -8.25 -20.58 0.68
N ALA B 213 -9.39 -20.04 1.07
CA ALA B 213 -10.40 -20.86 1.77
C ALA B 213 -11.00 -21.93 0.88
N TYR B 214 -11.16 -21.68 -0.42
CA TYR B 214 -11.77 -22.69 -1.31
C TYR B 214 -10.90 -23.91 -1.41
N PHE B 215 -9.59 -23.74 -1.21
CA PHE B 215 -8.62 -24.83 -1.36
C PHE B 215 -8.15 -25.45 -0.03
N ASP B 216 -8.76 -25.05 1.09
CA ASP B 216 -8.41 -25.54 2.42
C ASP B 216 -6.98 -25.17 2.81
N LEU B 217 -6.78 -23.89 3.13
CA LEU B 217 -5.47 -23.34 3.55
C LEU B 217 -5.68 -22.05 4.33
N ASN B 229 0.40 -2.20 -2.74
CA ASN B 229 -0.50 -2.09 -3.91
C ASN B 229 -1.14 -3.38 -4.48
N SER B 230 -0.80 -4.59 -3.98
CA SER B 230 -1.33 -5.85 -4.54
C SER B 230 -1.57 -7.03 -3.57
N ALA B 231 -2.54 -7.91 -3.90
CA ALA B 231 -2.90 -9.08 -3.07
C ALA B 231 -2.58 -10.38 -3.81
N ARG B 232 -1.91 -11.31 -3.13
CA ARG B 232 -1.37 -12.49 -3.79
C ARG B 232 -1.45 -13.72 -2.91
N PHE B 233 -1.53 -14.90 -3.51
CA PHE B 233 -1.19 -16.12 -2.77
C PHE B 233 -0.37 -17.09 -3.61
N GLU B 234 0.50 -17.81 -2.92
CA GLU B 234 1.41 -18.71 -3.55
C GLU B 234 1.42 -19.97 -2.72
N VAL B 235 1.34 -21.11 -3.40
CA VAL B 235 1.45 -22.38 -2.76
C VAL B 235 2.79 -22.96 -3.19
N VAL B 236 3.60 -23.33 -2.20
CA VAL B 236 4.85 -24.04 -2.47
C VAL B 236 5.07 -25.31 -1.64
N LYS B 237 4.16 -25.59 -0.71
CA LYS B 237 4.23 -26.82 0.05
C LYS B 237 3.87 -28.00 -0.84
N PHE B 238 4.87 -28.83 -1.13
CA PHE B 238 4.67 -29.93 -2.05
C PHE B 238 3.39 -30.73 -1.79
N SER B 239 3.06 -30.95 -0.53
CA SER B 239 1.87 -31.74 -0.18
C SER B 239 0.62 -30.97 -0.60
N ASP B 240 0.63 -29.66 -0.39
CA ASP B 240 -0.49 -28.82 -0.77
C ASP B 240 -0.67 -28.85 -2.28
N ILE B 241 0.42 -28.83 -3.02
CA ILE B 241 0.34 -28.92 -4.46
C ILE B 241 -0.13 -30.28 -4.93
N THR B 242 0.36 -31.31 -4.28
CA THR B 242 0.03 -32.69 -4.63
C THR B 242 -1.41 -33.12 -4.22
N ASP B 243 -1.87 -32.64 -3.07
CA ASP B 243 -3.14 -33.09 -2.48
C ASP B 243 -4.31 -32.11 -2.69
N LYS B 244 -4.03 -30.84 -2.96
CA LYS B 244 -5.11 -29.86 -3.12
C LYS B 244 -5.16 -29.13 -4.46
N ILE B 245 -4.02 -28.74 -5.00
CA ILE B 245 -4.00 -28.01 -6.29
C ILE B 245 -4.17 -28.91 -7.49
N ILE B 246 -3.30 -29.90 -7.62
CA ILE B 246 -3.36 -30.82 -8.76
C ILE B 246 -4.70 -31.56 -8.84
N PRO B 247 -5.13 -32.21 -7.76
CA PRO B 247 -6.44 -32.84 -7.80
C PRO B 247 -7.58 -31.93 -8.27
N PHE B 248 -7.49 -30.65 -8.00
CA PHE B 248 -8.55 -29.73 -8.39
C PHE B 248 -8.52 -29.59 -9.88
N PHE B 249 -7.35 -29.26 -10.39
CA PHE B 249 -7.19 -28.95 -11.79
C PHE B 249 -7.13 -30.18 -12.67
N ASP B 250 -6.99 -31.35 -12.08
CA ASP B 250 -7.16 -32.57 -12.83
C ASP B 250 -8.63 -32.71 -13.17
N LYS B 251 -9.49 -32.14 -12.34
CA LYS B 251 -10.94 -32.27 -12.48
C LYS B 251 -11.58 -31.10 -13.22
N TYR B 252 -11.18 -29.90 -12.84
CA TYR B 252 -11.62 -28.66 -13.48
C TYR B 252 -10.43 -28.11 -14.24
N SER B 253 -10.29 -28.50 -15.49
CA SER B 253 -8.98 -28.38 -16.11
C SER B 253 -8.71 -27.03 -16.73
N ILE B 254 -7.44 -26.65 -16.62
CA ILE B 254 -6.88 -25.48 -17.26
C ILE B 254 -6.98 -25.64 -18.76
N GLN B 255 -7.41 -24.57 -19.41
CA GLN B 255 -7.65 -24.57 -20.84
C GLN B 255 -6.78 -23.48 -21.48
N GLY B 256 -6.49 -23.61 -22.76
CA GLY B 256 -5.61 -22.68 -23.44
C GLY B 256 -4.13 -23.04 -23.30
N LYS B 257 -3.25 -22.06 -23.54
CA LYS B 257 -1.80 -22.26 -23.59
C LYS B 257 -1.22 -22.69 -22.25
N LYS B 258 -1.85 -22.23 -21.19
CA LYS B 258 -1.43 -22.55 -19.84
C LYS B 258 -1.54 -24.05 -19.47
N SER B 259 -2.27 -24.83 -20.27
CA SER B 259 -2.36 -26.26 -20.01
C SER B 259 -1.08 -26.97 -20.38
N GLN B 260 -0.39 -26.48 -21.41
CA GLN B 260 0.93 -27.00 -21.74
C GLN B 260 1.84 -26.84 -20.53
N ASP B 261 1.62 -25.78 -19.77
CA ASP B 261 2.41 -25.47 -18.57
C ASP B 261 2.01 -26.32 -17.38
N TYR B 262 0.70 -26.49 -17.19
CA TYR B 262 0.17 -27.31 -16.12
C TYR B 262 0.70 -28.74 -16.28
N GLN B 263 0.71 -29.18 -17.53
CA GLN B 263 1.20 -30.50 -17.89
C GLN B 263 2.66 -30.71 -17.50
N ASN B 264 3.49 -29.72 -17.76
CA ASN B 264 4.90 -29.77 -17.33
C ASN B 264 5.13 -29.63 -15.83
N PHE B 265 4.33 -28.78 -15.21
CA PHE B 265 4.18 -28.72 -13.78
C PHE B 265 4.00 -30.13 -13.18
N LYS B 266 3.07 -30.91 -13.72
CA LYS B 266 2.80 -32.27 -13.21
C LYS B 266 3.93 -33.26 -13.48
N GLU B 267 4.55 -33.13 -14.66
CA GLU B 267 5.74 -33.94 -14.98
C GLU B 267 6.76 -33.74 -13.88
N VAL B 268 7.01 -32.48 -13.52
CA VAL B 268 8.01 -32.15 -12.51
C VAL B 268 7.53 -32.70 -11.17
N ALA B 269 6.25 -32.49 -10.85
CA ALA B 269 5.69 -33.05 -9.63
C ALA B 269 5.94 -34.56 -9.57
N ASP B 270 5.82 -35.25 -10.70
CA ASP B 270 6.08 -36.70 -10.77
C ASP B 270 7.52 -36.99 -10.40
N ILE B 271 8.45 -36.17 -10.90
CA ILE B 271 9.88 -36.38 -10.64
C ILE B 271 10.22 -36.17 -9.15
N ILE B 272 9.62 -35.15 -8.56
CA ILE B 272 9.88 -34.87 -7.16
C ILE B 272 9.31 -35.97 -6.28
N LYS B 273 8.11 -36.41 -6.60
CA LYS B 273 7.41 -37.40 -5.79
C LYS B 273 8.18 -38.71 -5.74
N SER B 274 8.97 -38.94 -6.77
CA SER B 274 9.80 -40.14 -6.85
C SER B 274 11.26 -39.90 -6.42
N LYS B 275 11.52 -38.79 -5.75
CA LYS B 275 12.85 -38.48 -5.19
C LYS B 275 13.97 -38.43 -6.22
N ASN B 276 13.62 -38.22 -7.48
CA ASN B 276 14.62 -38.21 -8.55
C ASN B 276 15.19 -36.84 -8.82
N HIS B 277 14.69 -35.86 -8.10
CA HIS B 277 15.21 -34.48 -8.15
C HIS B 277 16.48 -34.31 -7.31
N LEU B 278 16.86 -35.35 -6.57
CA LEU B 278 18.09 -35.32 -5.77
C LEU B 278 19.29 -35.87 -6.53
N THR B 279 19.02 -36.50 -7.67
CA THR B 279 20.06 -36.94 -8.59
C THR B 279 20.28 -35.79 -9.54
N SER B 280 21.49 -35.68 -10.10
CA SER B 280 21.80 -34.58 -11.03
C SER B 280 21.15 -34.76 -12.40
N GLU B 281 20.97 -36.02 -12.80
CA GLU B 281 20.23 -36.33 -14.03
C GLU B 281 18.83 -35.74 -13.95
N GLY B 282 18.13 -36.03 -12.85
CA GLY B 282 16.76 -35.58 -12.65
C GLY B 282 16.64 -34.08 -12.50
N PHE B 283 17.60 -33.48 -11.80
CA PHE B 283 17.59 -32.03 -11.62
C PHE B 283 17.76 -31.34 -12.98
N GLN B 284 18.55 -31.92 -13.86
CA GLN B 284 18.66 -31.43 -15.24
C GLN B 284 17.35 -31.58 -16.00
N GLU B 285 16.72 -32.76 -15.86
CA GLU B 285 15.41 -33.04 -16.46
C GLU B 285 14.48 -31.88 -16.13
N ILE B 286 14.44 -31.53 -14.86
CA ILE B 286 13.62 -30.42 -14.40
C ILE B 286 14.04 -29.08 -15.03
N LEU B 287 15.33 -28.77 -15.00
CA LEU B 287 15.81 -27.52 -15.59
C LEU B 287 15.45 -27.41 -17.06
N ASP B 288 15.52 -28.54 -17.76
CA ASP B 288 15.12 -28.59 -19.18
C ASP B 288 13.62 -28.31 -19.32
N ILE B 289 12.83 -28.96 -18.48
CA ILE B 289 11.39 -28.75 -18.47
C ILE B 289 11.10 -27.28 -18.22
N LYS B 290 11.79 -26.72 -17.23
CA LYS B 290 11.57 -25.33 -16.82
C LYS B 290 11.88 -24.35 -17.92
N ALA B 291 13.02 -24.54 -18.56
CA ALA B 291 13.41 -23.72 -19.73
C ALA B 291 12.26 -23.58 -20.73
N SER B 292 11.64 -24.71 -21.05
CA SER B 292 10.55 -24.78 -22.01
C SER B 292 9.16 -24.35 -21.51
N MET B 293 9.02 -24.02 -20.23
CA MET B 293 7.71 -23.59 -19.71
C MET B 293 7.53 -22.11 -19.85
N ASN B 294 6.27 -21.68 -19.97
CA ASN B 294 5.88 -20.25 -19.92
C ASN B 294 6.68 -19.32 -20.82
N LYS B 295 7.53 -19.89 -21.67
CA LYS B 295 8.65 -19.15 -22.30
C LYS B 295 9.26 -19.91 -23.48
CA CA G . 7.89 13.78 18.70
CA CA H . 12.01 13.83 17.41
C1 EDO I . 13.96 2.28 7.11
O1 EDO I . 15.22 2.53 6.49
C2 EDO I . 12.89 2.22 6.03
O2 EDO I . 12.62 0.87 5.65
CA CA J . -6.57 -9.79 -15.53
CA CA K . -3.37 -13.11 -18.65
CA CA L . 7.00 -32.16 -20.82
C1 EDO M . 9.52 -29.54 -3.34
O1 EDO M . 10.50 -30.18 -2.50
C2 EDO M . 8.70 -28.49 -2.59
O2 EDO M . 7.68 -27.87 -3.43
C1 EDO N . 14.74 10.28 28.06
O1 EDO N . 14.35 11.26 29.03
C2 EDO N . 16.09 10.67 27.46
O2 EDO N . 15.92 11.76 26.54
C1 EDO O . 9.47 35.04 4.17
O1 EDO O . 8.07 35.24 4.31
C2 EDO O . 9.72 34.27 2.88
O2 EDO O . 8.87 34.77 1.84
C1 EDO P . 9.55 -12.85 -18.34
O1 EDO P . 10.58 -12.21 -17.58
C2 EDO P . 8.40 -11.88 -18.54
O2 EDO P . 7.92 -11.41 -17.28
#